data_1QWR
#
_entry.id   1QWR
#
_cell.length_a   59.116
_cell.length_b   72.534
_cell.length_c   70.309
_cell.angle_alpha   90.00
_cell.angle_beta   91.89
_cell.angle_gamma   90.00
#
_symmetry.space_group_name_H-M   'P 1 21 1'
#
loop_
_entity.id
_entity.type
_entity.pdbx_description
1 polymer 'Mannose-6-phosphate isomerase'
2 non-polymer 'SULFATE ION'
3 non-polymer 'ZINC ION'
4 non-polymer 'ACETATE ION'
5 non-polymer 'FORMIC ACID'
6 water water
#
_entity_poly.entity_id   1
_entity_poly.type   'polypeptide(L)'
_entity_poly.pdbx_seq_one_letter_code
;SNAMTQSPIFLTPVFKEKIWGGTALRDRFGYSIPSESTGECWAISAHPKGPSTVANGPYKGKTLIELWEEHREVFGGVEG
DRFPLLTKLLDVKEDTSIKVHPDDYYAGENEEGELGKTECWYIIDCKENAEIIYGHTARSKTELVT(MSE)INSGDWEGL
LRRIKIKPGDFYYVPSGTLHALCKGALVLETQQNSDATYRVYDYDRLDSNGSPRELHFAKAVNAATVPHVDGYIDESTES
RKGITIKTFVQGEYFSVYKWDINGEAE(MSE)AQDESFLICSVIEGSGLLKYEDKTCPLKKGDHFILPAQ(MSE)PDFTI
KGTCTLIVSHI
;
_entity_poly.pdbx_strand_id   A,B
#
# COMPACT_ATOMS: atom_id res chain seq x y z
N THR A 5 -11.39 39.11 -1.29
CA THR A 5 -10.55 40.28 -1.67
C THR A 5 -10.21 40.28 -3.15
N GLN A 6 -9.71 41.41 -3.63
CA GLN A 6 -9.43 41.57 -5.04
C GLN A 6 -8.05 42.12 -5.37
N SER A 7 -7.04 41.71 -4.63
CA SER A 7 -5.69 42.17 -4.91
C SER A 7 -4.70 41.11 -4.45
N PRO A 8 -3.53 41.06 -5.11
CA PRO A 8 -2.50 40.06 -4.77
C PRO A 8 -2.09 40.14 -3.32
N ILE A 9 -1.83 38.98 -2.70
CA ILE A 9 -1.42 38.95 -1.29
C ILE A 9 0.00 38.41 -1.25
N PHE A 10 0.98 39.27 -1.01
CA PHE A 10 2.37 38.82 -0.98
C PHE A 10 2.71 38.29 0.39
N LEU A 11 3.61 37.31 0.42
CA LEU A 11 4.03 36.65 1.64
C LEU A 11 5.50 36.83 1.93
N THR A 12 5.82 37.08 3.19
CA THR A 12 7.19 37.25 3.61
C THR A 12 7.73 35.88 3.95
N PRO A 13 8.86 35.50 3.37
CA PRO A 13 9.47 34.18 3.62
C PRO A 13 9.98 33.89 5.04
N VAL A 14 9.90 32.62 5.40
CA VAL A 14 10.35 32.09 6.68
C VAL A 14 11.49 31.15 6.30
N PHE A 15 12.54 31.04 7.13
CA PHE A 15 13.65 30.17 6.78
C PHE A 15 13.97 29.10 7.82
N LYS A 16 14.51 27.98 7.36
CA LYS A 16 14.87 26.89 8.26
C LYS A 16 16.29 26.40 8.00
N GLU A 17 17.10 26.37 9.04
CA GLU A 17 18.47 25.84 8.92
C GLU A 17 18.43 24.32 8.77
N LYS A 18 19.37 23.78 8.00
CA LYS A 18 19.45 22.34 7.77
C LYS A 18 20.92 21.97 7.63
N ILE A 19 21.29 20.81 8.15
CA ILE A 19 22.69 20.41 8.03
C ILE A 19 23.06 20.31 6.55
N TRP A 20 22.07 20.02 5.69
CA TRP A 20 22.34 19.88 4.27
C TRP A 20 22.11 21.18 3.48
N GLY A 21 21.81 22.25 4.22
CA GLY A 21 21.57 23.53 3.58
C GLY A 21 22.82 24.31 3.22
N GLY A 22 22.62 25.41 2.50
CA GLY A 22 23.73 26.25 2.08
C GLY A 22 23.35 27.72 2.08
N THR A 23 23.84 28.46 1.07
CA THR A 23 23.56 29.89 0.96
C THR A 23 22.91 30.23 -0.38
N ALA A 24 22.54 29.22 -1.17
CA ALA A 24 21.94 29.49 -2.47
C ALA A 24 20.69 30.38 -2.42
N LEU A 25 19.96 30.32 -1.30
CA LEU A 25 18.75 31.15 -1.19
C LEU A 25 19.14 32.62 -1.15
N ARG A 26 20.30 32.91 -0.59
CA ARG A 26 20.76 34.29 -0.57
C ARG A 26 21.42 34.61 -1.91
N ASP A 27 22.30 33.72 -2.37
CA ASP A 27 23.04 33.96 -3.62
C ASP A 27 22.18 34.05 -4.90
N ARG A 28 21.13 33.25 -4.98
CA ARG A 28 20.30 33.25 -6.18
C ARG A 28 18.97 33.98 -6.07
N PHE A 29 18.47 34.18 -4.85
CA PHE A 29 17.20 34.87 -4.65
C PHE A 29 17.33 36.19 -3.86
N GLY A 30 18.54 36.51 -3.41
CA GLY A 30 18.75 37.74 -2.66
C GLY A 30 18.17 37.77 -1.26
N TYR A 31 17.77 36.60 -0.76
CA TYR A 31 17.20 36.52 0.58
C TYR A 31 18.22 36.69 1.72
N SER A 32 17.74 37.23 2.83
CA SER A 32 18.57 37.37 4.02
C SER A 32 18.29 36.10 4.77
N ILE A 33 19.29 35.24 4.92
CA ILE A 33 19.06 33.98 5.60
C ILE A 33 19.68 33.93 6.99
N PRO A 34 19.14 33.06 7.88
CA PRO A 34 19.56 32.85 9.27
C PRO A 34 20.95 32.30 9.48
N SER A 35 21.40 31.44 8.58
CA SER A 35 22.73 30.86 8.71
C SER A 35 23.31 30.55 7.35
N GLU A 36 24.57 30.11 7.33
CA GLU A 36 25.22 29.77 6.07
C GLU A 36 24.86 28.32 5.69
N SER A 37 23.97 27.72 6.47
CA SER A 37 23.48 26.37 6.19
C SER A 37 21.95 26.44 6.22
N THR A 38 21.38 27.21 5.30
CA THR A 38 19.91 27.36 5.26
C THR A 38 19.39 26.43 4.15
N GLY A 39 18.62 25.43 4.54
CA GLY A 39 18.11 24.50 3.55
C GLY A 39 16.72 24.80 3.02
N GLU A 40 15.88 25.42 3.83
CA GLU A 40 14.51 25.65 3.36
C GLU A 40 13.96 27.06 3.52
N CYS A 41 13.21 27.48 2.50
CA CYS A 41 12.50 28.73 2.54
C CYS A 41 11.02 28.29 2.52
N TRP A 42 10.31 28.50 3.62
CA TRP A 42 8.88 28.19 3.71
C TRP A 42 8.28 29.46 3.11
N ALA A 43 7.95 29.36 1.82
CA ALA A 43 7.50 30.47 0.96
C ALA A 43 6.02 30.84 1.02
N ILE A 44 5.16 29.86 0.92
CA ILE A 44 3.73 30.12 1.11
C ILE A 44 3.42 29.08 2.20
N SER A 45 3.28 29.55 3.43
CA SER A 45 3.09 28.64 4.53
C SER A 45 2.06 29.06 5.55
N ALA A 46 1.27 28.10 6.01
CA ALA A 46 0.34 28.34 7.10
C ALA A 46 0.66 27.27 8.17
N HIS A 47 1.84 26.68 8.08
CA HIS A 47 2.17 25.66 9.07
C HIS A 47 2.52 26.36 10.38
N PRO A 48 1.98 25.87 11.51
CA PRO A 48 2.23 26.44 12.84
C PRO A 48 3.71 26.64 13.17
N LYS A 49 4.57 25.76 12.69
CA LYS A 49 6.01 25.87 12.96
C LYS A 49 6.74 26.98 12.20
N GLY A 50 6.04 27.64 11.27
CA GLY A 50 6.68 28.71 10.54
C GLY A 50 5.72 29.31 9.53
N PRO A 51 4.65 29.99 9.97
CA PRO A 51 3.71 30.58 9.00
C PRO A 51 4.18 31.86 8.33
N SER A 52 3.78 32.03 7.07
CA SER A 52 4.11 33.21 6.31
C SER A 52 3.31 34.38 6.87
N THR A 53 3.84 35.59 6.75
CA THR A 53 3.11 36.76 7.20
C THR A 53 2.84 37.59 5.96
N VAL A 54 1.66 38.22 5.89
CA VAL A 54 1.29 39.05 4.75
C VAL A 54 2.22 40.25 4.67
N ALA A 55 2.79 40.45 3.50
CA ALA A 55 3.76 41.49 3.26
C ALA A 55 3.20 42.82 2.79
N ASN A 56 1.94 42.84 2.36
CA ASN A 56 1.35 44.08 1.81
C ASN A 56 -0.14 44.20 2.03
N GLY A 57 -0.65 45.39 1.71
CA GLY A 57 -2.07 45.64 1.81
C GLY A 57 -2.64 45.73 3.22
N PRO A 58 -3.97 45.76 3.35
CA PRO A 58 -4.73 45.84 4.59
C PRO A 58 -4.42 44.72 5.58
N TYR A 59 -4.07 43.54 5.07
CA TYR A 59 -3.77 42.42 5.94
C TYR A 59 -2.30 42.32 6.31
N LYS A 60 -1.51 43.32 5.95
CA LYS A 60 -0.08 43.30 6.26
C LYS A 60 0.14 42.96 7.73
N GLY A 61 1.02 42.00 7.98
CA GLY A 61 1.32 41.61 9.35
C GLY A 61 0.60 40.35 9.81
N LYS A 62 -0.58 40.09 9.25
CA LYS A 62 -1.35 38.90 9.62
C LYS A 62 -0.67 37.63 9.09
N THR A 63 -0.85 36.49 9.75
CA THR A 63 -0.23 35.26 9.27
C THR A 63 -1.21 34.61 8.31
N LEU A 64 -0.73 33.66 7.51
CA LEU A 64 -1.62 33.00 6.57
C LEU A 64 -2.65 32.21 7.35
N ILE A 65 -2.32 31.79 8.58
CA ILE A 65 -3.30 31.05 9.37
C ILE A 65 -4.48 31.98 9.73
N GLU A 66 -4.17 33.21 10.17
N GLU A 66 -4.16 33.20 10.16
CA GLU A 66 -5.23 34.16 10.52
CA GLU A 66 -5.18 34.19 10.51
C GLU A 66 -6.09 34.47 9.27
C GLU A 66 -6.08 34.43 9.28
N LEU A 67 -5.48 34.53 8.11
CA LEU A 67 -6.23 34.77 6.88
C LEU A 67 -7.17 33.60 6.63
N TRP A 68 -6.65 32.38 6.76
CA TRP A 68 -7.51 31.22 6.53
C TRP A 68 -8.68 31.16 7.51
N GLU A 69 -8.41 31.43 8.79
CA GLU A 69 -9.47 31.29 9.78
C GLU A 69 -10.45 32.45 9.87
N GLU A 70 -9.94 33.67 9.65
N GLU A 70 -9.96 33.67 9.63
CA GLU A 70 -10.75 34.87 9.74
CA GLU A 70 -10.81 34.85 9.72
C GLU A 70 -11.23 35.47 8.42
C GLU A 70 -11.25 35.46 8.41
N HIS A 71 -10.60 35.10 7.31
CA HIS A 71 -10.97 35.66 6.02
C HIS A 71 -11.03 34.63 4.89
N ARG A 72 -11.77 33.54 5.11
CA ARG A 72 -11.85 32.47 4.12
C ARG A 72 -12.33 32.93 2.74
N GLU A 73 -13.00 34.09 2.69
N GLU A 73 -13.01 34.08 2.69
CA GLU A 73 -13.50 34.63 1.42
CA GLU A 73 -13.50 34.64 1.42
C GLU A 73 -12.33 34.80 0.45
C GLU A 73 -12.33 34.82 0.45
N VAL A 74 -11.16 35.10 1.00
CA VAL A 74 -9.94 35.29 0.21
C VAL A 74 -9.62 34.03 -0.59
N PHE A 75 -9.94 32.89 0.01
CA PHE A 75 -9.71 31.57 -0.54
C PHE A 75 -10.97 30.95 -1.16
N GLY A 76 -11.94 31.79 -1.54
CA GLY A 76 -13.15 31.27 -2.18
C GLY A 76 -14.05 30.44 -1.30
N GLY A 77 -13.92 30.63 0.01
CA GLY A 77 -14.76 29.90 0.95
C GLY A 77 -14.57 28.39 0.97
N VAL A 78 -13.43 27.89 0.53
CA VAL A 78 -13.22 26.44 0.53
C VAL A 78 -13.15 25.86 1.93
N GLU A 79 -13.55 24.60 2.03
CA GLU A 79 -13.58 23.87 3.30
C GLU A 79 -12.23 23.36 3.77
N GLY A 80 -12.14 23.14 5.09
CA GLY A 80 -10.93 22.62 5.67
C GLY A 80 -10.55 23.34 6.96
N ASP A 81 -10.05 22.59 7.93
CA ASP A 81 -9.67 23.21 9.19
C ASP A 81 -8.43 24.10 9.01
N ARG A 82 -7.60 23.78 8.03
N ARG A 82 -7.60 23.77 8.03
CA ARG A 82 -6.39 24.56 7.83
CA ARG A 82 -6.37 24.54 7.83
C ARG A 82 -6.11 24.80 6.35
C ARG A 82 -6.06 24.76 6.36
N PHE A 83 -5.35 25.84 6.05
CA PHE A 83 -4.95 26.16 4.67
C PHE A 83 -4.32 24.80 4.28
N PRO A 84 -4.67 24.27 3.10
CA PRO A 84 -4.18 22.96 2.68
C PRO A 84 -2.78 22.65 2.21
N LEU A 85 -2.09 23.66 1.72
CA LEU A 85 -0.78 23.43 1.15
C LEU A 85 0.38 24.14 1.83
N LEU A 86 1.59 23.81 1.36
CA LEU A 86 2.81 24.41 1.85
C LEU A 86 3.78 24.41 0.69
N THR A 87 4.35 25.59 0.39
CA THR A 87 5.29 25.70 -0.72
C THR A 87 6.63 26.15 -0.19
N LYS A 88 7.68 25.45 -0.62
CA LYS A 88 9.04 25.78 -0.20
C LYS A 88 10.02 25.85 -1.35
N LEU A 89 11.10 26.58 -1.12
CA LEU A 89 12.26 26.63 -2.02
C LEU A 89 13.31 25.88 -1.20
N LEU A 90 13.95 24.87 -1.82
CA LEU A 90 14.93 24.04 -1.11
C LEU A 90 16.33 24.16 -1.72
N ASP A 91 17.31 24.46 -0.86
CA ASP A 91 18.70 24.58 -1.27
C ASP A 91 19.36 23.29 -0.80
N VAL A 92 19.35 22.29 -1.68
CA VAL A 92 19.92 20.99 -1.34
C VAL A 92 21.39 20.97 -1.73
N LYS A 93 22.21 21.50 -0.84
CA LYS A 93 23.66 21.57 -1.02
C LYS A 93 24.22 20.18 -0.82
N GLU A 94 23.84 19.53 0.27
CA GLU A 94 24.28 18.16 0.55
C GLU A 94 23.04 17.24 0.51
N ASP A 95 23.25 15.93 0.64
CA ASP A 95 22.13 14.98 0.60
C ASP A 95 21.12 15.15 1.74
N THR A 96 19.83 14.97 1.46
CA THR A 96 18.89 15.07 2.57
C THR A 96 18.71 13.65 3.07
N SER A 97 18.02 13.51 4.21
CA SER A 97 17.80 12.17 4.78
C SER A 97 16.92 11.29 3.91
N ILE A 98 17.03 9.97 4.09
CA ILE A 98 16.19 9.04 3.33
C ILE A 98 14.95 8.99 4.22
N LYS A 99 13.78 9.20 3.62
CA LYS A 99 12.57 9.29 4.42
C LYS A 99 11.29 8.91 3.70
N VAL A 100 10.20 8.90 4.48
CA VAL A 100 8.87 8.62 3.97
C VAL A 100 7.90 9.53 4.73
N HIS A 101 6.86 10.01 4.04
CA HIS A 101 5.85 10.86 4.66
C HIS A 101 4.58 10.04 4.75
N PRO A 102 3.88 10.12 5.88
CA PRO A 102 2.64 9.37 6.02
C PRO A 102 1.49 10.02 5.28
N ASP A 103 0.41 9.26 5.08
CA ASP A 103 -0.77 9.77 4.42
C ASP A 103 -1.62 10.44 5.49
N ASP A 104 -2.76 11.04 5.11
CA ASP A 104 -3.61 11.73 6.08
C ASP A 104 -4.07 10.85 7.25
N TYR A 105 -4.41 9.61 6.95
CA TYR A 105 -4.86 8.71 8.02
C TYR A 105 -3.77 8.42 9.05
N TYR A 106 -2.63 7.97 8.57
CA TYR A 106 -1.55 7.64 9.49
C TYR A 106 -1.04 8.84 10.25
N ALA A 107 -0.94 9.98 9.55
CA ALA A 107 -0.46 11.21 10.18
C ALA A 107 -1.42 11.67 11.25
N GLY A 108 -2.71 11.63 10.93
CA GLY A 108 -3.72 12.05 11.88
C GLY A 108 -3.73 11.14 13.09
N GLU A 109 -3.63 9.84 12.87
CA GLU A 109 -3.62 8.87 13.96
C GLU A 109 -2.37 8.88 14.83
N ASN A 110 -1.21 9.08 14.20
CA ASN A 110 0.04 9.03 14.94
C ASN A 110 0.74 10.36 15.18
N GLU A 111 0.30 11.42 14.52
CA GLU A 111 0.94 12.72 14.70
C GLU A 111 -0.07 13.78 15.13
N GLU A 112 -1.01 13.36 15.96
CA GLU A 112 -2.01 14.26 16.53
C GLU A 112 -2.74 15.22 15.57
N GLY A 113 -3.35 14.65 14.54
CA GLY A 113 -4.13 15.44 13.59
C GLY A 113 -3.36 16.14 12.49
N GLU A 114 -2.05 15.95 12.44
CA GLU A 114 -1.23 16.55 11.40
C GLU A 114 -1.71 15.95 10.08
N LEU A 115 -1.66 16.73 9.01
CA LEU A 115 -2.06 16.22 7.69
C LEU A 115 -0.97 15.31 7.17
N GLY A 116 -1.29 14.51 6.16
CA GLY A 116 -0.28 13.65 5.56
C GLY A 116 0.58 14.56 4.69
N LYS A 117 1.58 14.03 4.00
CA LYS A 117 2.43 14.91 3.17
C LYS A 117 2.74 14.38 1.76
N THR A 118 1.72 14.34 0.92
CA THR A 118 1.93 14.01 -0.49
C THR A 118 2.58 15.32 -0.97
N GLU A 119 3.53 15.24 -1.89
CA GLU A 119 4.22 16.43 -2.36
C GLU A 119 4.75 16.24 -3.77
N CYS A 120 5.38 17.28 -4.31
CA CYS A 120 5.96 17.19 -5.63
C CYS A 120 7.13 18.16 -5.75
N TRP A 121 8.01 17.86 -6.69
CA TRP A 121 9.21 18.66 -6.88
C TRP A 121 9.37 19.17 -8.29
N TYR A 122 9.66 20.46 -8.41
CA TYR A 122 9.98 21.03 -9.70
C TYR A 122 11.44 21.37 -9.55
N ILE A 123 12.28 20.80 -10.41
CA ILE A 123 13.71 21.06 -10.32
C ILE A 123 14.06 22.38 -11.04
N ILE A 124 14.32 23.42 -10.26
CA ILE A 124 14.66 24.69 -10.87
C ILE A 124 16.03 24.60 -11.51
N ASP A 125 16.99 24.06 -10.76
CA ASP A 125 18.36 23.93 -11.27
C ASP A 125 19.03 22.80 -10.50
N CYS A 126 20.11 22.27 -11.06
CA CYS A 126 20.82 21.19 -10.40
C CYS A 126 22.11 20.96 -11.14
N LYS A 127 23.05 20.29 -10.47
CA LYS A 127 24.33 20.00 -11.09
C LYS A 127 24.17 18.91 -12.13
N GLU A 128 25.12 18.87 -13.06
CA GLU A 128 25.12 17.91 -14.14
C GLU A 128 24.84 16.45 -13.75
N ASN A 129 25.46 15.95 -12.69
CA ASN A 129 25.23 14.55 -12.31
C ASN A 129 24.27 14.36 -11.14
N ALA A 130 23.36 15.31 -10.96
CA ALA A 130 22.39 15.25 -9.87
C ALA A 130 21.42 14.07 -9.97
N GLU A 131 21.02 13.57 -8.80
CA GLU A 131 20.07 12.47 -8.73
C GLU A 131 19.11 12.70 -7.57
N ILE A 132 18.13 11.82 -7.49
CA ILE A 132 17.18 11.79 -6.40
C ILE A 132 16.99 10.30 -6.09
N ILE A 133 16.58 10.02 -4.86
CA ILE A 133 16.27 8.65 -4.44
C ILE A 133 14.75 8.64 -4.47
N TYR A 134 14.19 7.68 -5.21
CA TYR A 134 12.73 7.59 -5.37
C TYR A 134 12.31 6.13 -5.51
N GLY A 135 11.71 5.59 -4.45
CA GLY A 135 11.25 4.21 -4.48
C GLY A 135 12.31 3.24 -3.98
N HIS A 136 11.96 1.95 -3.96
CA HIS A 136 12.87 0.93 -3.47
C HIS A 136 12.55 -0.43 -4.09
N THR A 137 13.38 -1.42 -3.80
CA THR A 137 13.20 -2.74 -4.39
C THR A 137 12.59 -3.82 -3.49
N ALA A 138 12.35 -3.49 -2.22
CA ALA A 138 11.78 -4.46 -1.29
C ALA A 138 10.41 -4.93 -1.71
N ARG A 139 10.20 -6.24 -1.63
CA ARG A 139 8.94 -6.86 -2.04
C ARG A 139 7.98 -7.09 -0.88
N SER A 140 8.49 -6.96 0.34
CA SER A 140 7.68 -7.13 1.54
C SER A 140 8.23 -6.25 2.64
N LYS A 141 7.41 -5.95 3.63
CA LYS A 141 7.89 -5.11 4.72
C LYS A 141 8.99 -5.78 5.54
N THR A 142 9.00 -7.11 5.61
CA THR A 142 10.07 -7.79 6.36
C THR A 142 11.39 -7.57 5.61
N GLU A 143 11.33 -7.64 4.29
CA GLU A 143 12.49 -7.45 3.41
C GLU A 143 12.99 -6.00 3.53
N LEU A 144 12.08 -5.04 3.54
CA LEU A 144 12.46 -3.65 3.68
C LEU A 144 13.22 -3.48 4.99
N VAL A 145 12.67 -4.03 6.06
CA VAL A 145 13.30 -3.95 7.38
C VAL A 145 14.70 -4.56 7.35
N THR A 146 14.80 -5.75 6.77
CA THR A 146 16.08 -6.46 6.67
C THR A 146 17.13 -5.63 5.91
N ILE A 148 17.20 -2.44 5.39
CA ILE A 148 17.53 -1.18 6.03
C ILE A 148 18.50 -1.47 7.17
N ASN A 149 18.26 -2.58 7.87
CA ASN A 149 19.12 -2.97 8.99
C ASN A 149 20.54 -3.30 8.56
N SER A 150 20.71 -3.83 7.36
CA SER A 150 22.05 -4.16 6.91
C SER A 150 22.61 -2.99 6.09
N GLY A 151 21.89 -1.87 6.14
CA GLY A 151 22.30 -0.68 5.43
C GLY A 151 22.61 -0.93 3.97
N ASP A 152 21.92 -1.88 3.35
CA ASP A 152 22.13 -2.20 1.94
C ASP A 152 21.39 -1.17 1.11
N TRP A 153 21.80 0.09 1.24
CA TRP A 153 21.16 1.17 0.49
C TRP A 153 21.34 0.99 -1.01
N GLU A 154 22.42 0.32 -1.39
CA GLU A 154 22.72 0.11 -2.80
C GLU A 154 21.73 -0.81 -3.49
N GLY A 155 21.35 -1.89 -2.81
CA GLY A 155 20.41 -2.82 -3.41
C GLY A 155 18.97 -2.41 -3.19
N LEU A 156 18.72 -1.67 -2.12
CA LEU A 156 17.36 -1.24 -1.78
C LEU A 156 16.82 -0.03 -2.52
N LEU A 157 17.56 1.07 -2.46
CA LEU A 157 17.12 2.32 -3.07
C LEU A 157 17.11 2.35 -4.58
N ARG A 158 16.15 3.10 -5.13
CA ARG A 158 16.06 3.27 -6.58
C ARG A 158 16.44 4.74 -6.80
N ARG A 159 17.24 4.99 -7.82
CA ARG A 159 17.69 6.34 -8.09
C ARG A 159 17.29 6.81 -9.47
N ILE A 160 17.05 8.11 -9.60
CA ILE A 160 16.66 8.70 -10.87
C ILE A 160 17.56 9.89 -11.15
N LYS A 161 18.09 9.94 -12.37
CA LYS A 161 18.97 11.01 -12.79
C LYS A 161 18.07 12.19 -13.16
N ILE A 162 18.36 13.36 -12.61
CA ILE A 162 17.53 14.53 -12.87
C ILE A 162 18.23 15.66 -13.60
N LYS A 163 17.44 16.57 -14.17
CA LYS A 163 17.96 17.73 -14.88
C LYS A 163 17.03 18.92 -14.64
N PRO A 164 17.50 20.14 -14.90
CA PRO A 164 16.63 21.32 -14.69
C PRO A 164 15.34 21.21 -15.49
N GLY A 165 14.22 21.61 -14.88
CA GLY A 165 12.97 21.53 -15.59
C GLY A 165 12.17 20.28 -15.29
N ASP A 166 12.80 19.28 -14.68
CA ASP A 166 12.09 18.04 -14.33
C ASP A 166 11.02 18.24 -13.27
N PHE A 167 10.00 17.37 -13.30
CA PHE A 167 8.94 17.43 -12.29
C PHE A 167 8.71 16.02 -11.77
N TYR A 168 8.66 15.88 -10.45
CA TYR A 168 8.42 14.58 -9.82
C TYR A 168 7.29 14.65 -8.82
N TYR A 169 6.35 13.73 -8.92
CA TYR A 169 5.23 13.66 -7.99
C TYR A 169 5.62 12.62 -6.95
N VAL A 170 5.44 12.94 -5.67
CA VAL A 170 5.85 12.04 -4.57
C VAL A 170 4.69 11.73 -3.65
N PRO A 171 3.91 10.69 -3.99
CA PRO A 171 2.76 10.30 -3.16
C PRO A 171 3.23 9.98 -1.76
N SER A 172 2.41 10.26 -0.75
CA SER A 172 2.79 9.91 0.61
C SER A 172 2.98 8.38 0.57
N GLY A 173 3.88 7.89 1.41
CA GLY A 173 4.18 6.45 1.43
C GLY A 173 5.39 6.13 0.58
N THR A 174 5.89 7.12 -0.16
CA THR A 174 7.04 6.90 -1.05
C THR A 174 8.35 7.12 -0.31
N LEU A 175 9.25 6.12 -0.36
CA LEU A 175 10.55 6.25 0.27
C LEU A 175 11.33 7.13 -0.68
N HIS A 176 11.95 8.18 -0.17
CA HIS A 176 12.66 9.09 -1.06
C HIS A 176 13.67 9.98 -0.35
N ALA A 177 14.36 10.77 -1.16
CA ALA A 177 15.33 11.76 -0.69
C ALA A 177 15.85 12.59 -1.86
N LEU A 178 15.94 13.90 -1.64
CA LEU A 178 16.53 14.75 -2.65
C LEU A 178 18.04 14.61 -2.37
N CYS A 179 18.86 14.67 -3.41
CA CYS A 179 20.29 14.52 -3.22
C CYS A 179 21.07 15.80 -3.55
N LYS A 180 22.31 15.87 -3.06
N LYS A 180 22.33 15.83 -3.12
CA LYS A 180 23.15 17.04 -3.23
CA LYS A 180 23.23 16.98 -3.31
C LYS A 180 23.19 17.67 -4.62
C LYS A 180 23.18 17.67 -4.67
N GLY A 181 23.25 19.00 -4.63
CA GLY A 181 23.30 19.78 -5.87
C GLY A 181 22.00 20.05 -6.61
N ALA A 182 20.96 20.44 -5.88
CA ALA A 182 19.67 20.70 -6.49
C ALA A 182 19.01 21.90 -5.84
N LEU A 183 18.28 22.67 -6.65
CA LEU A 183 17.53 23.83 -6.18
C LEU A 183 16.10 23.50 -6.57
N VAL A 184 15.24 23.32 -5.58
CA VAL A 184 13.87 22.85 -5.82
C VAL A 184 12.70 23.70 -5.32
N LEU A 185 11.62 23.73 -6.09
CA LEU A 185 10.38 24.39 -5.66
C LEU A 185 9.50 23.16 -5.31
N GLU A 186 9.25 22.98 -4.00
CA GLU A 186 8.49 21.86 -3.48
C GLU A 186 7.08 22.28 -3.06
N THR A 187 6.08 21.67 -3.65
CA THR A 187 4.70 21.99 -3.29
C THR A 187 4.20 20.76 -2.54
N GLN A 188 3.67 20.96 -1.33
CA GLN A 188 3.24 19.82 -0.53
C GLN A 188 1.99 20.13 0.30
N GLN A 189 1.42 19.12 0.96
CA GLN A 189 0.28 19.39 1.83
C GLN A 189 0.89 20.14 3.00
N ASN A 190 0.05 20.87 3.73
CA ASN A 190 0.45 21.65 4.92
C ASN A 190 0.71 20.68 6.08
N SER A 191 1.96 20.22 6.16
CA SER A 191 2.32 19.20 7.13
C SER A 191 3.82 19.20 7.31
N ASP A 192 4.30 18.69 8.46
CA ASP A 192 5.73 18.60 8.72
C ASP A 192 6.01 17.17 9.17
N ALA A 193 5.11 16.25 8.80
CA ALA A 193 5.24 14.84 9.17
C ALA A 193 6.28 14.09 8.33
N THR A 194 7.40 13.78 8.97
CA THR A 194 8.51 13.10 8.28
C THR A 194 9.12 11.99 9.12
N TYR A 195 9.26 10.81 8.51
CA TYR A 195 9.86 9.66 9.20
C TYR A 195 11.17 9.33 8.48
N ARG A 196 12.29 9.58 9.15
CA ARG A 196 13.61 9.32 8.56
C ARG A 196 14.07 7.90 8.83
N VAL A 197 14.70 7.28 7.85
CA VAL A 197 15.22 5.93 8.07
C VAL A 197 16.74 5.99 8.09
N TYR A 198 17.32 7.02 7.46
CA TYR A 198 18.77 7.14 7.39
C TYR A 198 19.20 8.57 7.13
N ASP A 199 20.20 9.04 7.87
CA ASP A 199 20.70 10.41 7.72
C ASP A 199 22.22 10.48 7.62
N TYR A 200 22.81 9.42 7.08
CA TYR A 200 24.25 9.35 6.87
C TYR A 200 25.10 9.56 8.12
N ASP A 201 24.54 9.26 9.29
CA ASP A 201 25.22 9.41 10.57
C ASP A 201 25.82 10.79 10.81
N ARG A 202 25.11 11.82 10.37
CA ARG A 202 25.58 13.19 10.54
C ARG A 202 25.17 13.85 11.83
N LEU A 203 25.94 14.86 12.24
CA LEU A 203 25.66 15.61 13.46
C LEU A 203 25.15 16.99 13.07
N ASP A 204 24.25 17.53 13.87
CA ASP A 204 23.68 18.85 13.62
C ASP A 204 24.52 19.94 14.32
N SER A 205 24.13 21.20 14.13
CA SER A 205 24.85 22.33 14.72
C SER A 205 25.07 22.21 16.23
N ASN A 206 24.31 21.34 16.87
CA ASN A 206 24.44 21.15 18.31
C ASN A 206 25.13 19.83 18.65
N GLY A 207 25.88 19.31 17.69
CA GLY A 207 26.61 18.06 17.89
C GLY A 207 25.78 16.80 18.12
N SER A 208 24.46 16.87 17.92
CA SER A 208 23.61 15.69 18.13
C SER A 208 23.06 15.14 16.81
N PRO A 209 22.92 13.80 16.71
CA PRO A 209 22.40 13.15 15.50
C PRO A 209 20.93 13.51 15.33
N ARG A 210 20.44 13.53 14.10
CA ARG A 210 19.03 13.85 13.90
C ARG A 210 18.18 12.60 14.14
N GLU A 211 16.96 12.84 14.61
CA GLU A 211 16.00 11.76 14.93
C GLU A 211 15.63 10.87 13.75
N LEU A 212 15.60 9.55 13.99
CA LEU A 212 15.19 8.59 12.97
C LEU A 212 13.87 8.00 13.49
N HIS A 213 13.02 7.54 12.59
CA HIS A 213 11.72 7.00 12.96
C HIS A 213 11.54 5.72 12.16
N PHE A 214 12.36 4.72 12.48
CA PHE A 214 12.35 3.45 11.75
C PHE A 214 10.98 2.75 11.69
N ALA A 215 10.38 2.49 12.84
CA ALA A 215 9.09 1.80 12.90
C ALA A 215 8.01 2.54 12.11
N LYS A 216 7.86 3.83 12.40
CA LYS A 216 6.86 4.62 11.71
C LYS A 216 7.09 4.66 10.21
N ALA A 217 8.35 4.76 9.79
CA ALA A 217 8.66 4.80 8.37
C ALA A 217 8.23 3.50 7.71
N VAL A 218 8.55 2.40 8.35
CA VAL A 218 8.17 1.10 7.76
C VAL A 218 6.65 0.95 7.73
N ASN A 219 5.99 1.40 8.78
CA ASN A 219 4.53 1.34 8.81
C ASN A 219 3.90 2.23 7.73
N ALA A 220 4.47 3.39 7.49
CA ALA A 220 3.90 4.31 6.50
C ALA A 220 4.28 4.02 5.07
N ALA A 221 5.36 3.29 4.90
CA ALA A 221 5.89 3.00 3.58
C ALA A 221 5.08 2.03 2.75
N THR A 222 4.94 2.36 1.48
CA THR A 222 4.22 1.53 0.53
C THR A 222 5.18 0.44 0.06
N VAL A 223 4.78 -0.82 0.23
CA VAL A 223 5.61 -1.94 -0.19
C VAL A 223 4.73 -2.97 -0.90
N PRO A 224 5.09 -3.38 -2.12
CA PRO A 224 6.27 -2.93 -2.88
C PRO A 224 6.05 -1.55 -3.46
N HIS A 225 7.12 -0.96 -3.97
CA HIS A 225 7.02 0.35 -4.58
C HIS A 225 6.60 0.15 -6.02
N VAL A 226 5.68 1.00 -6.46
CA VAL A 226 5.22 0.98 -7.85
C VAL A 226 5.29 2.45 -8.30
N ASP A 227 5.99 2.73 -9.39
CA ASP A 227 6.08 4.09 -9.91
C ASP A 227 4.74 4.51 -10.46
N GLY A 228 4.24 5.66 -10.00
CA GLY A 228 2.97 6.15 -10.48
C GLY A 228 3.14 6.79 -11.84
N TYR A 229 2.05 7.19 -12.47
CA TYR A 229 2.17 7.82 -13.76
C TYR A 229 1.39 9.13 -13.86
N ILE A 230 2.07 10.16 -14.34
CA ILE A 230 1.43 11.47 -14.51
C ILE A 230 1.67 11.92 -15.95
N ASP A 231 0.67 12.55 -16.54
CA ASP A 231 0.79 13.04 -17.90
C ASP A 231 0.84 14.55 -17.88
N GLU A 232 1.86 15.12 -18.49
CA GLU A 232 2.00 16.57 -18.53
C GLU A 232 1.38 17.08 -19.82
N SER A 233 0.99 18.36 -19.82
CA SER A 233 0.40 19.03 -20.97
C SER A 233 0.98 20.42 -21.06
N THR A 234 1.12 20.94 -22.28
CA THR A 234 1.61 22.31 -22.43
C THR A 234 0.74 23.05 -23.44
N GLU A 235 0.43 24.30 -23.14
CA GLU A 235 -0.34 25.06 -24.11
C GLU A 235 0.19 26.47 -24.11
N SER A 236 0.07 27.15 -25.24
CA SER A 236 0.59 28.50 -25.32
C SER A 236 -0.41 29.48 -25.88
N ARG A 237 -0.38 30.71 -25.36
N ARG A 237 -0.38 30.69 -25.32
CA ARG A 237 -1.22 31.77 -25.88
CA ARG A 237 -1.25 31.78 -25.71
C ARG A 237 -0.32 32.99 -25.97
C ARG A 237 -0.34 33.01 -25.85
N LYS A 238 -0.89 34.16 -26.25
CA LYS A 238 -0.07 35.34 -26.37
C LYS A 238 0.71 35.61 -25.09
N GLY A 239 2.01 35.82 -25.23
CA GLY A 239 2.88 36.11 -24.09
C GLY A 239 3.14 35.02 -23.07
N ILE A 240 2.57 33.83 -23.22
CA ILE A 240 2.79 32.79 -22.20
C ILE A 240 2.64 31.33 -22.63
N THR A 241 3.50 30.48 -22.08
CA THR A 241 3.41 29.05 -22.31
C THR A 241 3.11 28.46 -20.92
N ILE A 242 2.08 27.63 -20.81
CA ILE A 242 1.71 27.04 -19.52
C ILE A 242 1.92 25.54 -19.55
N LYS A 243 2.73 25.03 -18.64
CA LYS A 243 2.91 23.58 -18.56
C LYS A 243 2.12 23.15 -17.34
N THR A 244 1.31 22.11 -17.51
CA THR A 244 0.50 21.52 -16.46
C THR A 244 1.27 20.26 -16.05
N PHE A 245 1.82 20.27 -14.83
CA PHE A 245 2.62 19.13 -14.36
C PHE A 245 1.76 18.03 -13.77
N VAL A 246 0.72 18.41 -13.05
CA VAL A 246 -0.14 17.45 -12.42
C VAL A 246 -1.43 18.10 -11.95
N GLN A 247 -2.48 17.29 -11.93
CA GLN A 247 -3.78 17.71 -11.45
C GLN A 247 -4.20 16.56 -10.57
N GLY A 248 -3.75 16.61 -9.33
CA GLY A 248 -4.02 15.51 -8.40
C GLY A 248 -5.07 15.74 -7.34
N GLU A 249 -5.20 14.76 -6.46
CA GLU A 249 -6.20 14.84 -5.38
C GLU A 249 -5.88 15.96 -4.40
N TYR A 250 -4.61 16.27 -4.22
CA TYR A 250 -4.22 17.27 -3.23
C TYR A 250 -3.84 18.63 -3.80
N PHE A 251 -3.45 18.66 -5.06
CA PHE A 251 -3.06 19.91 -5.70
C PHE A 251 -2.82 19.72 -7.19
N SER A 252 -2.77 20.85 -7.90
CA SER A 252 -2.49 20.90 -9.34
C SER A 252 -1.33 21.90 -9.39
N VAL A 253 -0.30 21.59 -10.17
CA VAL A 253 0.86 22.46 -10.25
C VAL A 253 1.18 22.76 -11.71
N TYR A 254 1.59 24.01 -11.96
CA TYR A 254 1.86 24.48 -13.33
C TYR A 254 3.08 25.39 -13.40
N LYS A 255 3.59 25.56 -14.61
CA LYS A 255 4.69 26.49 -14.82
C LYS A 255 4.20 27.52 -15.83
N TRP A 256 4.36 28.80 -15.51
CA TRP A 256 4.00 29.88 -16.43
C TRP A 256 5.31 30.47 -16.93
N ASP A 257 5.53 30.39 -18.22
N ASP A 257 5.51 30.40 -18.23
CA ASP A 257 6.74 30.98 -18.80
CA ASP A 257 6.70 30.93 -18.89
C ASP A 257 6.25 32.16 -19.62
C ASP A 257 6.20 32.17 -19.63
N ILE A 258 6.49 33.35 -19.09
CA ILE A 258 6.04 34.59 -19.70
C ILE A 258 7.11 35.36 -20.44
N ASN A 259 6.73 35.86 -21.61
CA ASN A 259 7.60 36.64 -22.50
C ASN A 259 6.68 37.57 -23.28
N GLY A 260 6.75 38.86 -22.97
CA GLY A 260 5.91 39.83 -23.63
C GLY A 260 4.84 40.22 -22.63
N GLU A 261 3.58 40.17 -23.05
CA GLU A 261 2.49 40.50 -22.14
C GLU A 261 1.46 39.38 -22.26
N ALA A 262 1.12 38.78 -21.13
CA ALA A 262 0.15 37.69 -21.09
C ALA A 262 -1.14 38.16 -20.42
N GLU A 263 -2.27 37.70 -20.93
CA GLU A 263 -3.57 38.05 -20.35
C GLU A 263 -4.03 36.85 -19.53
N ALA A 265 -6.60 35.19 -16.12
CA ALA A 265 -7.85 35.17 -15.38
C ALA A 265 -7.55 34.29 -14.19
N GLN A 266 -8.22 34.54 -13.08
CA GLN A 266 -8.03 33.76 -11.86
C GLN A 266 -9.38 33.08 -11.69
N ASP A 267 -9.52 31.88 -12.22
CA ASP A 267 -10.81 31.21 -12.11
C ASP A 267 -10.87 30.10 -11.08
N GLU A 268 -9.85 29.99 -10.23
CA GLU A 268 -9.85 28.94 -9.20
C GLU A 268 -10.24 29.57 -7.86
N SER A 269 -10.25 28.75 -6.81
CA SER A 269 -10.59 29.27 -5.49
C SER A 269 -9.53 30.29 -5.05
N PHE A 270 -8.29 30.04 -5.44
CA PHE A 270 -7.16 30.96 -5.20
C PHE A 270 -5.95 30.34 -5.88
N LEU A 271 -4.95 31.15 -6.21
CA LEU A 271 -3.74 30.63 -6.85
C LEU A 271 -2.54 30.96 -6.00
N ILE A 272 -1.68 29.96 -5.80
CA ILE A 272 -0.44 30.11 -5.04
C ILE A 272 0.64 30.32 -6.11
N CYS A 273 1.40 31.42 -6.02
CA CYS A 273 2.39 31.77 -7.03
C CYS A 273 3.78 32.07 -6.49
N SER A 274 4.81 31.52 -7.16
CA SER A 274 6.23 31.72 -6.82
C SER A 274 6.98 32.16 -8.09
N VAL A 275 7.64 33.31 -8.03
CA VAL A 275 8.41 33.78 -9.19
C VAL A 275 9.80 33.19 -9.07
N ILE A 276 10.14 32.25 -9.95
CA ILE A 276 11.43 31.60 -9.83
C ILE A 276 12.50 32.12 -10.74
N GLU A 277 12.12 32.97 -11.70
N GLU A 277 12.13 33.00 -11.67
CA GLU A 277 13.09 33.57 -12.63
CA GLU A 277 13.10 33.62 -12.55
C GLU A 277 12.57 34.91 -13.17
C GLU A 277 12.57 34.92 -13.14
N GLY A 278 13.50 35.81 -13.45
CA GLY A 278 13.12 37.09 -14.03
C GLY A 278 12.36 38.08 -13.21
N SER A 279 11.60 38.92 -13.91
CA SER A 279 10.81 39.95 -13.31
C SER A 279 9.71 40.35 -14.28
N GLY A 280 8.74 41.10 -13.78
CA GLY A 280 7.64 41.53 -14.62
C GLY A 280 6.70 42.46 -13.88
N LEU A 281 5.70 42.90 -14.60
CA LEU A 281 4.74 43.83 -14.04
C LEU A 281 3.33 43.23 -14.13
N LEU A 282 2.67 43.10 -12.97
CA LEU A 282 1.31 42.57 -12.94
C LEU A 282 0.37 43.78 -12.93
N LYS A 283 -0.56 43.81 -13.87
CA LYS A 283 -1.49 44.92 -13.95
C LYS A 283 -2.92 44.41 -13.91
N TYR A 284 -3.77 45.10 -13.16
CA TYR A 284 -5.18 44.73 -13.07
C TYR A 284 -5.96 45.99 -12.71
N GLU A 285 -7.09 46.18 -13.39
CA GLU A 285 -7.91 47.37 -13.20
C GLU A 285 -6.95 48.55 -13.34
N ASP A 286 -6.99 49.51 -12.42
CA ASP A 286 -6.08 50.65 -12.55
C ASP A 286 -4.84 50.52 -11.67
N LYS A 287 -4.54 49.29 -11.24
CA LYS A 287 -3.40 49.06 -10.35
C LYS A 287 -2.22 48.36 -11.03
N THR A 288 -1.04 48.54 -10.45
CA THR A 288 0.19 47.95 -10.96
C THR A 288 0.93 47.32 -9.80
N CYS A 289 1.50 46.13 -10.03
N CYS A 289 1.54 46.17 -10.04
CA CYS A 289 2.25 45.38 -9.01
CA CYS A 289 2.27 45.48 -9.00
C CYS A 289 3.54 44.80 -9.59
C CYS A 289 3.52 44.85 -9.60
N PRO A 290 4.70 45.36 -9.21
CA PRO A 290 5.97 44.82 -9.74
C PRO A 290 6.23 43.43 -9.19
N LEU A 291 6.73 42.52 -10.04
CA LEU A 291 7.06 41.15 -9.63
C LEU A 291 8.54 40.90 -9.88
N LYS A 292 9.17 40.11 -9.02
CA LYS A 292 10.59 39.79 -9.21
C LYS A 292 10.86 38.42 -8.62
N LYS A 293 11.93 37.81 -9.11
CA LYS A 293 12.42 36.51 -8.64
C LYS A 293 12.46 36.54 -7.10
N GLY A 294 11.86 35.53 -6.48
CA GLY A 294 11.85 35.49 -5.03
C GLY A 294 10.52 35.91 -4.42
N ASP A 295 9.64 36.53 -5.20
CA ASP A 295 8.32 36.90 -4.67
C ASP A 295 7.42 35.66 -4.61
N HIS A 296 6.59 35.60 -3.57
CA HIS A 296 5.62 34.52 -3.39
C HIS A 296 4.33 35.24 -3.04
N PHE A 297 3.24 34.84 -3.69
CA PHE A 297 1.96 35.51 -3.42
C PHE A 297 0.78 34.65 -3.77
N ILE A 298 -0.36 35.06 -3.23
CA ILE A 298 -1.61 34.38 -3.48
C ILE A 298 -2.53 35.32 -4.23
N LEU A 299 -3.15 34.82 -5.30
CA LEU A 299 -4.13 35.60 -6.03
C LEU A 299 -5.45 35.05 -5.47
N PRO A 300 -6.22 35.91 -4.80
CA PRO A 300 -7.51 35.58 -4.17
C PRO A 300 -8.61 35.16 -5.12
N ALA A 301 -9.68 34.60 -4.53
CA ALA A 301 -10.85 34.14 -5.27
C ALA A 301 -11.40 35.19 -6.22
N GLN A 302 -11.57 36.41 -5.73
CA GLN A 302 -12.12 37.49 -6.55
C GLN A 302 -11.09 38.33 -7.31
N PRO A 304 -9.33 40.20 -10.02
CA PRO A 304 -9.83 40.61 -11.33
C PRO A 304 -8.93 40.05 -12.45
N ASP A 305 -9.43 40.01 -13.67
CA ASP A 305 -8.59 39.55 -14.76
C ASP A 305 -7.39 40.49 -14.75
N PHE A 306 -6.24 39.95 -15.12
CA PHE A 306 -5.00 40.74 -15.08
C PHE A 306 -4.04 40.37 -16.21
N THR A 307 -2.95 41.14 -16.31
CA THR A 307 -1.92 40.86 -17.30
C THR A 307 -0.58 40.88 -16.54
N ILE A 308 0.40 40.18 -17.10
CA ILE A 308 1.75 40.16 -16.57
C ILE A 308 2.62 40.48 -17.77
N LYS A 309 3.39 41.55 -17.66
CA LYS A 309 4.25 41.97 -18.76
C LYS A 309 5.72 41.85 -18.36
N GLY A 310 6.49 41.11 -19.17
CA GLY A 310 7.91 40.93 -18.90
C GLY A 310 8.41 39.56 -19.29
N THR A 311 9.59 39.20 -18.79
CA THR A 311 10.21 37.91 -19.03
C THR A 311 10.39 37.33 -17.65
N CYS A 312 9.50 36.41 -17.28
CA CYS A 312 9.58 35.79 -15.97
C CYS A 312 8.97 34.39 -16.01
N THR A 313 9.30 33.59 -14.99
CA THR A 313 8.83 32.22 -14.89
C THR A 313 8.26 32.04 -13.49
N LEU A 314 7.03 31.54 -13.42
CA LEU A 314 6.40 31.29 -12.11
C LEU A 314 5.97 29.85 -12.01
N ILE A 315 5.95 29.32 -10.79
CA ILE A 315 5.42 27.97 -10.55
C ILE A 315 4.17 28.33 -9.76
N VAL A 316 3.04 27.81 -10.20
CA VAL A 316 1.75 28.13 -9.59
C VAL A 316 1.01 26.86 -9.22
N SER A 317 0.24 26.92 -8.13
CA SER A 317 -0.54 25.77 -7.68
C SER A 317 -1.90 26.19 -7.11
N HIS A 318 -2.80 25.23 -7.03
CA HIS A 318 -4.12 25.47 -6.45
C HIS A 318 -4.65 24.13 -6.04
N ILE A 319 -5.75 24.11 -5.30
CA ILE A 319 -6.28 22.82 -4.87
C ILE A 319 -7.18 22.18 -5.92
N GLN B 6 9.53 -44.60 2.06
CA GLN B 6 8.53 -43.53 2.37
C GLN B 6 7.22 -43.71 1.62
N SER B 7 6.16 -43.14 2.17
CA SER B 7 4.83 -43.27 1.57
C SER B 7 3.89 -42.14 1.97
N PRO B 8 2.70 -42.10 1.36
CA PRO B 8 1.70 -41.06 1.65
C PRO B 8 1.34 -40.98 3.11
N ILE B 9 1.22 -39.76 3.62
CA ILE B 9 0.86 -39.58 5.02
C ILE B 9 -0.53 -38.97 5.03
N PHE B 10 -1.52 -39.76 5.37
CA PHE B 10 -2.90 -39.25 5.40
C PHE B 10 -3.18 -38.52 6.70
N LEU B 11 -3.96 -37.45 6.60
CA LEU B 11 -4.31 -36.66 7.79
C LEU B 11 -5.81 -36.73 8.09
N THR B 12 -6.14 -36.87 9.37
CA THR B 12 -7.53 -36.89 9.78
C THR B 12 -7.95 -35.43 9.88
N PRO B 13 -9.11 -35.08 9.31
CA PRO B 13 -9.56 -33.68 9.37
C PRO B 13 -10.09 -33.24 10.73
N VAL B 14 -10.02 -31.94 10.96
CA VAL B 14 -10.51 -31.32 12.19
C VAL B 14 -11.59 -30.33 11.78
N PHE B 15 -12.67 -30.25 12.54
CA PHE B 15 -13.79 -29.37 12.20
C PHE B 15 -14.07 -28.25 13.16
N LYS B 16 -14.44 -27.09 12.61
CA LYS B 16 -14.76 -25.92 13.40
C LYS B 16 -16.18 -25.51 13.09
N GLU B 17 -16.99 -25.32 14.12
CA GLU B 17 -18.36 -24.88 13.91
C GLU B 17 -18.31 -23.36 13.64
N LYS B 18 -19.19 -22.85 12.78
CA LYS B 18 -19.24 -21.43 12.48
C LYS B 18 -20.68 -21.02 12.29
N ILE B 19 -21.01 -19.80 12.68
CA ILE B 19 -22.37 -19.31 12.53
C ILE B 19 -22.81 -19.37 11.08
N TRP B 20 -21.86 -19.16 10.17
CA TRP B 20 -22.15 -19.17 8.73
C TRP B 20 -21.98 -20.54 8.07
N GLY B 21 -21.65 -21.57 8.86
CA GLY B 21 -21.45 -22.90 8.31
C GLY B 21 -22.72 -23.69 8.03
N GLY B 22 -22.56 -24.87 7.44
CA GLY B 22 -23.72 -25.70 7.12
C GLY B 22 -23.42 -27.18 7.26
N THR B 23 -23.94 -27.98 6.32
CA THR B 23 -23.74 -29.43 6.33
C THR B 23 -23.07 -29.94 5.05
N ALA B 24 -22.62 -29.05 4.18
CA ALA B 24 -21.98 -29.49 2.94
C ALA B 24 -20.79 -30.40 3.17
N LEU B 25 -20.04 -30.20 4.26
CA LEU B 25 -18.88 -31.05 4.47
C LEU B 25 -19.30 -32.51 4.66
N ARG B 26 -20.49 -32.69 5.23
CA ARG B 26 -21.02 -34.03 5.47
C ARG B 26 -21.70 -34.53 4.20
N ASP B 27 -22.53 -33.69 3.60
CA ASP B 27 -23.26 -34.10 2.40
C ASP B 27 -22.41 -34.32 1.15
N ARG B 28 -21.34 -33.57 0.98
CA ARG B 28 -20.51 -33.74 -0.22
C ARG B 28 -19.24 -34.55 -0.01
N PHE B 29 -18.68 -34.54 1.21
CA PHE B 29 -17.46 -35.30 1.46
C PHE B 29 -17.65 -36.49 2.38
N GLY B 30 -18.85 -36.60 2.95
CA GLY B 30 -19.10 -37.72 3.83
C GLY B 30 -18.44 -37.66 5.20
N TYR B 31 -18.05 -36.46 5.64
CA TYR B 31 -17.40 -36.33 6.94
C TYR B 31 -18.39 -36.29 8.11
N SER B 32 -17.92 -36.69 9.29
CA SER B 32 -18.70 -36.60 10.52
C SER B 32 -18.48 -35.17 10.96
N ILE B 33 -19.54 -34.39 11.05
CA ILE B 33 -19.37 -33.01 11.46
C ILE B 33 -19.97 -32.79 12.82
N PRO B 34 -19.43 -31.81 13.56
CA PRO B 34 -19.89 -31.48 14.92
C PRO B 34 -21.29 -30.92 15.07
N SER B 35 -21.84 -30.33 14.01
CA SER B 35 -23.16 -29.74 14.07
C SER B 35 -23.69 -29.46 12.67
N GLU B 36 -24.92 -28.96 12.62
CA GLU B 36 -25.54 -28.61 11.36
C GLU B 36 -25.01 -27.26 10.89
N SER B 37 -24.09 -26.69 11.65
CA SER B 37 -23.52 -25.40 11.31
C SER B 37 -21.99 -25.50 11.35
N THR B 38 -21.44 -26.38 10.52
CA THR B 38 -19.98 -26.59 10.46
C THR B 38 -19.40 -25.78 9.31
N GLY B 39 -18.60 -24.78 9.62
CA GLY B 39 -18.05 -23.93 8.58
C GLY B 39 -16.68 -24.30 8.02
N GLU B 40 -15.81 -24.87 8.85
CA GLU B 40 -14.48 -25.18 8.37
C GLU B 40 -13.97 -26.57 8.64
N CYS B 41 -13.25 -27.09 7.65
CA CYS B 41 -12.60 -28.37 7.81
C CYS B 41 -11.11 -28.03 7.74
N TRP B 42 -10.40 -28.14 8.86
CA TRP B 42 -8.96 -27.87 8.83
C TRP B 42 -8.40 -29.21 8.36
N ALA B 43 -8.14 -29.27 7.05
CA ALA B 43 -7.71 -30.47 6.34
C ALA B 43 -6.24 -30.85 6.47
N ILE B 44 -5.35 -29.90 6.26
CA ILE B 44 -3.93 -30.14 6.44
C ILE B 44 -3.52 -29.01 7.37
N SER B 45 -3.39 -29.32 8.65
CA SER B 45 -3.12 -28.29 9.63
C SER B 45 -2.08 -28.59 10.72
N ALA B 46 -1.25 -27.61 10.99
CA ALA B 46 -0.23 -27.67 12.04
C ALA B 46 -0.47 -26.46 12.92
N HIS B 47 -1.65 -25.86 12.82
CA HIS B 47 -1.92 -24.70 13.66
C HIS B 47 -2.35 -25.19 15.03
N PRO B 48 -1.81 -24.55 16.09
CA PRO B 48 -2.15 -24.94 17.47
C PRO B 48 -3.66 -25.04 17.74
N LYS B 49 -4.46 -24.20 17.08
CA LYS B 49 -5.90 -24.21 17.32
C LYS B 49 -6.64 -25.40 16.73
N GLY B 50 -5.98 -26.18 15.88
CA GLY B 50 -6.60 -27.34 15.28
C GLY B 50 -5.66 -28.18 14.43
N PRO B 51 -4.69 -28.89 15.05
CA PRO B 51 -3.75 -29.70 14.28
C PRO B 51 -4.27 -31.05 13.79
N SER B 52 -3.89 -31.41 12.58
CA SER B 52 -4.29 -32.67 12.00
C SER B 52 -3.44 -33.73 12.69
N THR B 53 -3.97 -34.93 12.76
CA THR B 53 -3.21 -36.04 13.32
C THR B 53 -3.03 -37.03 12.18
N VAL B 54 -1.91 -37.77 12.20
CA VAL B 54 -1.62 -38.75 11.16
C VAL B 54 -2.49 -40.00 11.28
N ALA B 55 -3.19 -40.33 10.19
CA ALA B 55 -4.11 -41.47 10.17
C ALA B 55 -3.55 -42.84 9.81
N ASN B 56 -2.30 -42.91 9.35
CA ASN B 56 -1.75 -44.18 8.94
C ASN B 56 -0.25 -44.21 9.05
N GLY B 57 0.30 -45.39 8.77
CA GLY B 57 1.73 -45.58 8.76
C GLY B 57 2.41 -45.57 10.11
N PRO B 58 3.74 -45.45 10.12
CA PRO B 58 4.57 -45.42 11.32
C PRO B 58 4.18 -44.28 12.24
N TYR B 59 3.82 -43.13 11.66
CA TYR B 59 3.47 -41.96 12.45
C TYR B 59 2.00 -41.83 12.82
N LYS B 60 1.23 -42.89 12.63
CA LYS B 60 -0.18 -42.87 12.98
C LYS B 60 -0.30 -42.35 14.42
N GLY B 61 -1.16 -41.37 14.65
CA GLY B 61 -1.32 -40.82 15.98
C GLY B 61 -0.56 -39.54 16.27
N LYS B 62 0.50 -39.28 15.52
CA LYS B 62 1.28 -38.05 15.71
C LYS B 62 0.50 -36.90 15.07
N THR B 63 0.63 -35.70 15.64
CA THR B 63 -0.02 -34.53 15.05
C THR B 63 1.01 -33.98 14.04
N LEU B 64 0.55 -33.14 13.12
CA LEU B 64 1.45 -32.55 12.14
C LEU B 64 2.50 -31.69 12.81
N ILE B 65 2.17 -31.12 13.96
CA ILE B 65 3.12 -30.29 14.69
C ILE B 65 4.28 -31.18 15.16
N GLU B 66 3.93 -32.35 15.70
CA GLU B 66 4.92 -33.30 16.17
C GLU B 66 5.78 -33.81 15.03
N LEU B 67 5.14 -34.07 13.89
CA LEU B 67 5.87 -34.53 12.72
C LEU B 67 6.88 -33.48 12.25
N TRP B 68 6.49 -32.19 12.26
CA TRP B 68 7.40 -31.12 11.84
C TRP B 68 8.59 -30.96 12.79
N GLU B 69 8.34 -31.18 14.08
CA GLU B 69 9.38 -31.02 15.07
C GLU B 69 10.28 -32.24 15.18
N GLU B 70 9.66 -33.41 15.21
CA GLU B 70 10.40 -34.65 15.35
C GLU B 70 10.93 -35.29 14.07
N HIS B 71 10.35 -34.96 12.92
CA HIS B 71 10.78 -35.59 11.68
C HIS B 71 10.80 -34.67 10.46
N ARG B 72 11.67 -33.66 10.48
CA ARG B 72 11.74 -32.72 9.36
C ARG B 72 12.15 -33.41 8.05
N GLU B 73 12.73 -34.60 8.12
CA GLU B 73 13.15 -35.28 6.89
C GLU B 73 11.92 -35.56 5.99
N VAL B 74 10.78 -35.73 6.65
CA VAL B 74 9.53 -35.97 5.95
C VAL B 74 9.27 -34.82 5.00
N PHE B 75 9.69 -33.63 5.40
CA PHE B 75 9.49 -32.40 4.65
C PHE B 75 10.76 -31.87 3.96
N GLY B 76 11.66 -32.77 3.58
CA GLY B 76 12.86 -32.35 2.89
C GLY B 76 13.81 -31.49 3.69
N GLY B 77 13.67 -31.54 5.01
CA GLY B 77 14.52 -30.77 5.90
C GLY B 77 14.37 -29.25 5.83
N VAL B 78 13.29 -28.73 5.24
CA VAL B 78 13.13 -27.28 5.14
C VAL B 78 13.18 -26.60 6.52
N GLU B 79 13.70 -25.38 6.55
CA GLU B 79 13.83 -24.61 7.79
C GLU B 79 12.55 -23.92 8.22
N GLY B 80 12.44 -23.63 9.51
CA GLY B 80 11.28 -22.95 10.02
C GLY B 80 10.84 -23.50 11.35
N ASP B 81 10.38 -22.63 12.24
CA ASP B 81 9.93 -23.09 13.55
C ASP B 81 8.58 -23.78 13.48
N ARG B 82 7.88 -23.58 12.35
N ARG B 82 7.86 -23.58 12.37
CA ARG B 82 6.57 -24.20 12.18
CA ARG B 82 6.56 -24.22 12.20
C ARG B 82 6.29 -24.63 10.74
C ARG B 82 6.25 -24.60 10.75
N PHE B 83 5.45 -25.66 10.58
CA PHE B 83 5.05 -26.12 9.25
C PHE B 83 4.46 -24.81 8.70
N PRO B 84 4.89 -24.39 7.50
CA PRO B 84 4.46 -23.14 6.85
C PRO B 84 3.07 -22.89 6.34
N LEU B 85 2.30 -23.96 6.09
CA LEU B 85 0.98 -23.76 5.52
C LEU B 85 -0.17 -24.34 6.29
N LEU B 86 -1.37 -24.02 5.80
CA LEU B 86 -2.62 -24.50 6.40
C LEU B 86 -3.63 -24.62 5.27
N THR B 87 -4.32 -25.75 5.20
CA THR B 87 -5.29 -25.99 4.14
C THR B 87 -6.66 -26.31 4.73
N LYS B 88 -7.69 -25.57 4.29
CA LYS B 88 -9.05 -25.77 4.78
C LYS B 88 -10.08 -25.97 3.66
N LEU B 89 -11.18 -26.62 4.02
CA LEU B 89 -12.34 -26.77 3.15
C LEU B 89 -13.35 -25.90 3.88
N LEU B 90 -13.97 -24.97 3.17
CA LEU B 90 -14.92 -24.07 3.81
C LEU B 90 -16.32 -24.21 3.22
N ASP B 91 -17.29 -24.46 4.09
CA ASP B 91 -18.70 -24.58 3.69
C ASP B 91 -19.33 -23.22 4.03
N VAL B 92 -19.39 -22.32 3.05
CA VAL B 92 -19.92 -20.99 3.29
C VAL B 92 -21.41 -20.96 2.94
N LYS B 93 -22.23 -21.22 3.95
CA LYS B 93 -23.68 -21.27 3.80
C LYS B 93 -24.23 -19.86 3.85
N GLU B 94 -23.68 -19.05 4.76
N GLU B 94 -23.67 -19.05 4.75
CA GLU B 94 -24.07 -17.65 4.93
CA GLU B 94 -24.08 -17.65 4.89
C GLU B 94 -22.81 -16.81 4.77
C GLU B 94 -22.81 -16.81 4.77
N ASP B 95 -22.98 -15.51 4.59
CA ASP B 95 -21.82 -14.61 4.43
C ASP B 95 -20.84 -14.63 5.60
N THR B 96 -19.53 -14.54 5.32
CA THR B 96 -18.55 -14.51 6.40
C THR B 96 -18.28 -13.03 6.69
N SER B 97 -17.51 -12.75 7.74
CA SER B 97 -17.21 -11.37 8.12
C SER B 97 -16.29 -10.69 7.10
N ILE B 98 -16.30 -9.36 7.07
CA ILE B 98 -15.45 -8.58 6.16
C ILE B 98 -14.15 -8.49 6.95
N LYS B 99 -13.03 -8.85 6.34
CA LYS B 99 -11.79 -8.85 7.09
C LYS B 99 -10.54 -8.61 6.25
N VAL B 100 -9.42 -8.51 6.94
CA VAL B 100 -8.14 -8.33 6.27
C VAL B 100 -7.11 -9.07 7.11
N HIS B 101 -6.11 -9.67 6.45
CA HIS B 101 -5.06 -10.39 7.14
C HIS B 101 -3.77 -9.57 7.06
N PRO B 102 -3.02 -9.49 8.15
CA PRO B 102 -1.78 -8.71 8.08
C PRO B 102 -0.68 -9.53 7.40
N ASP B 103 0.41 -8.87 7.00
CA ASP B 103 1.54 -9.51 6.38
C ASP B 103 2.44 -9.99 7.53
N ASP B 104 3.58 -10.60 7.22
CA ASP B 104 4.44 -11.10 8.30
C ASP B 104 4.92 -9.97 9.23
N TYR B 105 5.27 -8.83 8.65
CA TYR B 105 5.75 -7.70 9.43
C TYR B 105 4.74 -7.25 10.49
N TYR B 106 3.55 -6.86 10.04
CA TYR B 106 2.52 -6.38 10.94
C TYR B 106 2.02 -7.45 11.93
N ALA B 107 1.96 -8.70 11.50
CA ALA B 107 1.50 -9.80 12.37
C ALA B 107 2.55 -10.12 13.41
N GLY B 108 3.80 -10.02 13.01
CA GLY B 108 4.87 -10.29 13.95
C GLY B 108 4.86 -9.24 15.04
N GLU B 109 4.86 -7.97 14.63
CA GLU B 109 4.87 -6.84 15.54
C GLU B 109 3.56 -6.53 16.28
N ASN B 110 2.56 -7.39 16.16
CA ASN B 110 1.29 -7.13 16.84
C ASN B 110 0.60 -8.38 17.38
N GLU B 111 0.90 -9.53 16.78
CA GLU B 111 0.27 -10.78 17.20
C GLU B 111 1.24 -11.81 17.78
N GLU B 112 2.26 -11.32 18.47
CA GLU B 112 3.27 -12.18 19.11
C GLU B 112 3.93 -13.24 18.23
N GLY B 113 4.67 -12.82 17.21
CA GLY B 113 5.36 -13.76 16.35
C GLY B 113 4.52 -14.58 15.38
N GLU B 114 3.22 -14.33 15.35
CA GLU B 114 2.34 -15.06 14.44
C GLU B 114 2.72 -14.65 13.00
N LEU B 115 2.61 -15.58 12.07
CA LEU B 115 2.91 -15.28 10.67
C LEU B 115 1.77 -14.42 10.11
N GLY B 116 2.03 -13.78 8.97
CA GLY B 116 0.96 -13.01 8.34
C GLY B 116 0.09 -14.05 7.66
N LYS B 117 -0.89 -13.63 6.88
CA LYS B 117 -1.71 -14.61 6.20
C LYS B 117 -2.16 -14.32 4.79
N THR B 118 -1.23 -14.54 3.86
CA THR B 118 -1.53 -14.42 2.44
C THR B 118 -2.23 -15.79 2.22
N GLU B 119 -3.21 -15.84 1.33
CA GLU B 119 -3.93 -17.09 1.11
C GLU B 119 -4.51 -17.08 -0.29
N CYS B 120 -5.25 -18.14 -0.61
CA CYS B 120 -5.87 -18.19 -1.92
C CYS B 120 -7.04 -19.14 -1.85
N TRP B 121 -7.94 -18.97 -2.81
CA TRP B 121 -9.16 -19.75 -2.86
C TRP B 121 -9.40 -20.47 -4.17
N TYR B 122 -9.74 -21.75 -4.08
CA TYR B 122 -10.15 -22.52 -5.26
C TYR B 122 -11.65 -22.81 -5.01
N ILE B 123 -12.50 -22.45 -5.96
CA ILE B 123 -13.93 -22.64 -5.80
C ILE B 123 -14.27 -24.06 -6.25
N ILE B 124 -14.59 -24.92 -5.30
CA ILE B 124 -14.93 -26.30 -5.63
C ILE B 124 -16.30 -26.32 -6.28
N ASP B 125 -17.23 -25.57 -5.69
CA ASP B 125 -18.59 -25.47 -6.21
C ASP B 125 -19.22 -24.24 -5.59
N CYS B 126 -20.25 -23.72 -6.25
CA CYS B 126 -20.98 -22.58 -5.72
C CYS B 126 -22.32 -22.45 -6.43
N LYS B 127 -23.25 -21.72 -5.81
CA LYS B 127 -24.57 -21.48 -6.39
C LYS B 127 -24.39 -20.55 -7.59
N GLU B 128 -25.28 -20.67 -8.57
CA GLU B 128 -25.20 -19.88 -9.79
C GLU B 128 -24.96 -18.38 -9.61
N ASN B 129 -25.59 -17.80 -8.61
CA ASN B 129 -25.47 -16.37 -8.38
C ASN B 129 -24.40 -15.99 -7.34
N ALA B 130 -23.57 -16.94 -6.94
CA ALA B 130 -22.56 -16.69 -5.92
C ALA B 130 -21.54 -15.57 -6.20
N GLU B 131 -21.09 -14.94 -5.12
CA GLU B 131 -20.10 -13.87 -5.20
C GLU B 131 -19.10 -13.98 -4.05
N ILE B 132 -18.07 -13.15 -4.16
CA ILE B 132 -17.06 -13.00 -3.11
C ILE B 132 -16.82 -11.50 -3.04
N ILE B 133 -16.35 -11.03 -1.89
CA ILE B 133 -16.02 -9.63 -1.71
C ILE B 133 -14.51 -9.65 -1.87
N TYR B 134 -14.00 -8.85 -2.80
CA TYR B 134 -12.58 -8.84 -3.09
C TYR B 134 -12.12 -7.42 -3.40
N GLY B 135 -11.52 -6.75 -2.43
CA GLY B 135 -11.09 -5.40 -2.66
C GLY B 135 -12.17 -4.39 -2.34
N HIS B 136 -11.83 -3.12 -2.53
CA HIS B 136 -12.73 -2.01 -2.20
C HIS B 136 -12.45 -0.84 -3.13
N THR B 137 -13.32 0.16 -3.05
CA THR B 137 -13.23 1.35 -3.90
C THR B 137 -12.58 2.58 -3.27
N ALA B 138 -12.14 2.48 -2.01
CA ALA B 138 -11.53 3.61 -1.32
C ALA B 138 -10.22 4.04 -1.98
N ARG B 139 -10.06 5.34 -2.18
CA ARG B 139 -8.85 5.88 -2.83
C ARG B 139 -7.76 6.25 -1.83
N SER B 140 -8.15 6.38 -0.56
CA SER B 140 -7.22 6.71 0.52
C SER B 140 -7.72 6.08 1.80
N LYS B 141 -6.85 5.93 2.79
CA LYS B 141 -7.29 5.33 4.05
C LYS B 141 -8.33 6.17 4.77
N THR B 142 -8.26 7.49 4.62
CA THR B 142 -9.27 8.33 5.28
C THR B 142 -10.66 8.03 4.66
N GLU B 143 -10.71 7.80 3.36
CA GLU B 143 -11.99 7.49 2.70
C GLU B 143 -12.46 6.10 3.14
N LEU B 144 -11.51 5.18 3.31
CA LEU B 144 -11.83 3.82 3.75
C LEU B 144 -12.53 3.89 5.11
N VAL B 145 -11.95 4.66 6.02
CA VAL B 145 -12.51 4.80 7.36
C VAL B 145 -13.87 5.49 7.32
N THR B 146 -14.00 6.50 6.44
CA THR B 146 -15.24 7.24 6.31
C THR B 146 -16.38 6.29 5.92
N ILE B 148 -16.43 2.91 6.18
CA ILE B 148 -16.69 1.86 7.16
C ILE B 148 -17.52 2.43 8.32
N ASN B 149 -17.29 3.69 8.66
CA ASN B 149 -18.04 4.31 9.76
C ASN B 149 -19.50 4.52 9.39
N SER B 150 -19.76 4.95 8.16
CA SER B 150 -21.12 5.17 7.72
C SER B 150 -21.70 3.88 7.15
N GLY B 151 -21.03 2.76 7.43
CA GLY B 151 -21.50 1.47 6.95
C GLY B 151 -21.91 1.43 5.49
N ASP B 152 -21.29 2.24 4.63
CA ASP B 152 -21.65 2.24 3.22
C ASP B 152 -20.94 1.11 2.46
N TRP B 153 -21.36 -0.11 2.74
CA TRP B 153 -20.77 -1.28 2.14
C TRP B 153 -21.00 -1.41 0.64
N GLU B 154 -22.18 -1.00 0.17
CA GLU B 154 -22.46 -1.12 -1.25
C GLU B 154 -21.49 -0.28 -2.06
N GLY B 155 -21.18 0.91 -1.55
CA GLY B 155 -20.27 1.78 -2.27
C GLY B 155 -18.80 1.39 -2.12
N LEU B 156 -18.45 0.90 -0.92
CA LEU B 156 -17.07 0.50 -0.62
C LEU B 156 -16.55 -0.80 -1.23
N LEU B 157 -17.26 -1.89 -0.91
CA LEU B 157 -16.85 -3.22 -1.34
C LEU B 157 -16.96 -3.53 -2.83
N ARG B 158 -15.98 -4.28 -3.31
CA ARG B 158 -15.95 -4.71 -4.70
C ARG B 158 -16.39 -6.17 -4.67
N ARG B 159 -17.36 -6.50 -5.51
CA ARG B 159 -17.88 -7.86 -5.55
C ARG B 159 -17.52 -8.50 -6.89
N ILE B 160 -17.27 -9.80 -6.86
CA ILE B 160 -16.93 -10.56 -8.06
C ILE B 160 -17.80 -11.81 -8.14
N LYS B 161 -18.49 -12.00 -9.26
CA LYS B 161 -19.33 -13.19 -9.42
C LYS B 161 -18.41 -14.37 -9.69
N ILE B 162 -18.55 -15.44 -8.91
CA ILE B 162 -17.70 -16.60 -9.07
C ILE B 162 -18.40 -17.78 -9.69
N LYS B 163 -17.63 -18.81 -10.05
CA LYS B 163 -18.16 -20.04 -10.63
C LYS B 163 -17.19 -21.14 -10.24
N PRO B 164 -17.62 -22.42 -10.35
CA PRO B 164 -16.76 -23.56 -10.01
C PRO B 164 -15.50 -23.56 -10.86
N GLY B 165 -14.36 -23.82 -10.23
CA GLY B 165 -13.10 -23.86 -10.97
C GLY B 165 -12.31 -22.56 -10.88
N ASP B 166 -12.96 -21.50 -10.40
CA ASP B 166 -12.28 -20.21 -10.24
C ASP B 166 -11.19 -20.28 -9.18
N PHE B 167 -10.13 -19.48 -9.35
CA PHE B 167 -9.03 -19.40 -8.39
C PHE B 167 -8.77 -17.91 -8.10
N TYR B 168 -8.67 -17.56 -6.82
CA TYR B 168 -8.39 -16.19 -6.41
C TYR B 168 -7.24 -16.12 -5.45
N TYR B 169 -6.22 -15.33 -5.79
CA TYR B 169 -5.08 -15.14 -4.90
C TYR B 169 -5.46 -13.98 -3.98
N VAL B 170 -5.23 -14.13 -2.69
CA VAL B 170 -5.58 -13.09 -1.72
C VAL B 170 -4.36 -12.64 -0.91
N PRO B 171 -3.59 -11.67 -1.42
CA PRO B 171 -2.40 -11.17 -0.71
C PRO B 171 -2.83 -10.62 0.61
N SER B 172 -1.95 -10.67 1.61
CA SER B 172 -2.24 -10.11 2.90
C SER B 172 -2.47 -8.62 2.58
N GLY B 173 -3.31 -7.95 3.36
CA GLY B 173 -3.63 -6.55 3.12
C GLY B 173 -4.90 -6.41 2.29
N THR B 174 -5.37 -7.50 1.69
CA THR B 174 -6.59 -7.47 0.88
C THR B 174 -7.88 -7.53 1.72
N LEU B 175 -8.75 -6.53 1.58
CA LEU B 175 -10.04 -6.52 2.29
C LEU B 175 -10.88 -7.55 1.52
N HIS B 176 -11.53 -8.48 2.23
CA HIS B 176 -12.26 -9.53 1.54
C HIS B 176 -13.24 -10.28 2.44
N ALA B 177 -14.06 -11.11 1.81
CA ALA B 177 -15.01 -11.98 2.50
C ALA B 177 -15.60 -12.99 1.52
N LEU B 178 -15.79 -14.21 1.98
CA LEU B 178 -16.44 -15.22 1.17
C LEU B 178 -17.92 -14.96 1.45
N CYS B 179 -18.78 -15.20 0.44
CA CYS B 179 -20.20 -14.99 0.60
C CYS B 179 -20.99 -16.29 0.49
N LYS B 180 -22.25 -16.22 0.89
CA LYS B 180 -23.13 -17.38 0.88
C LYS B 180 -23.17 -18.19 -0.41
N GLY B 181 -23.28 -19.50 -0.26
CA GLY B 181 -23.38 -20.43 -1.37
C GLY B 181 -22.08 -20.83 -2.04
N ALA B 182 -21.02 -21.02 -1.26
CA ALA B 182 -19.72 -21.39 -1.80
C ALA B 182 -19.10 -22.54 -1.02
N LEU B 183 -18.41 -23.43 -1.74
CA LEU B 183 -17.67 -24.57 -1.17
C LEU B 183 -16.23 -24.30 -1.66
N VAL B 184 -15.34 -23.95 -0.74
CA VAL B 184 -13.98 -23.54 -1.07
C VAL B 184 -12.80 -24.28 -0.47
N LEU B 185 -11.74 -24.45 -1.25
CA LEU B 185 -10.48 -25.06 -0.79
C LEU B 185 -9.56 -23.85 -0.63
N GLU B 186 -9.26 -23.51 0.64
CA GLU B 186 -8.44 -22.36 0.97
C GLU B 186 -7.03 -22.77 1.44
N THR B 187 -6.01 -22.31 0.73
CA THR B 187 -4.62 -22.63 1.09
C THR B 187 -4.04 -21.33 1.66
N GLN B 188 -3.44 -21.41 2.82
CA GLN B 188 -2.94 -20.18 3.43
C GLN B 188 -1.70 -20.42 4.29
N GLN B 189 -1.05 -19.34 4.70
CA GLN B 189 0.08 -19.50 5.60
C GLN B 189 -0.48 -20.07 6.90
N ASN B 190 0.36 -20.76 7.66
CA ASN B 190 -0.05 -21.34 8.96
C ASN B 190 -0.15 -20.18 9.95
N SER B 191 -1.34 -19.58 10.00
CA SER B 191 -1.60 -18.42 10.83
C SER B 191 -3.09 -18.26 11.05
N ASP B 192 -3.47 -17.47 12.05
N ASP B 192 -3.46 -17.49 12.07
CA ASP B 192 -4.89 -17.24 12.31
CA ASP B 192 -4.86 -17.24 12.35
C ASP B 192 -5.07 -15.73 12.51
C ASP B 192 -5.03 -15.75 12.58
N ALA B 193 -4.07 -14.96 12.10
CA ALA B 193 -4.12 -13.51 12.26
C ALA B 193 -5.17 -12.96 11.32
N THR B 194 -6.26 -12.46 11.91
CA THR B 194 -7.39 -11.93 11.16
C THR B 194 -7.97 -10.72 11.87
N TYR B 195 -8.20 -9.65 11.11
CA TYR B 195 -8.79 -8.44 11.68
C TYR B 195 -10.14 -8.22 10.99
N ARG B 196 -11.24 -8.27 11.73
CA ARG B 196 -12.56 -8.06 11.11
C ARG B 196 -13.01 -6.61 11.20
N VAL B 197 -13.68 -6.13 10.16
CA VAL B 197 -14.20 -4.78 10.16
C VAL B 197 -15.73 -4.83 10.31
N TYR B 198 -16.35 -5.91 9.84
CA TYR B 198 -17.81 -6.02 9.95
C TYR B 198 -18.24 -7.49 10.00
N ASP B 199 -19.24 -7.79 10.82
CA ASP B 199 -19.74 -9.17 10.94
C ASP B 199 -21.25 -9.21 10.96
N TYR B 200 -21.87 -8.21 10.32
CA TYR B 200 -23.33 -8.11 10.23
C TYR B 200 -24.06 -8.13 11.58
N ASP B 201 -23.37 -7.78 12.65
CA ASP B 201 -23.97 -7.76 13.99
C ASP B 201 -24.51 -9.11 14.45
N ARG B 202 -23.72 -10.16 14.33
CA ARG B 202 -24.17 -11.49 14.75
C ARG B 202 -23.62 -11.86 16.12
N LEU B 203 -24.02 -13.02 16.64
CA LEU B 203 -23.53 -13.47 17.94
C LEU B 203 -23.12 -14.95 17.89
N ASP B 204 -22.15 -15.31 18.73
CA ASP B 204 -21.65 -16.69 18.80
C ASP B 204 -22.51 -17.58 19.70
N SER B 205 -22.01 -18.79 19.94
CA SER B 205 -22.71 -19.76 20.79
C SER B 205 -22.92 -19.22 22.20
N ASN B 206 -21.88 -18.59 22.74
CA ASN B 206 -21.95 -18.03 24.09
C ASN B 206 -22.84 -16.78 24.13
N GLY B 207 -23.59 -16.57 23.06
CA GLY B 207 -24.48 -15.44 22.96
C GLY B 207 -23.76 -14.10 22.90
N SER B 208 -22.46 -14.16 22.61
CA SER B 208 -21.66 -12.94 22.51
C SER B 208 -21.27 -12.64 21.07
N PRO B 209 -21.22 -11.35 20.71
CA PRO B 209 -20.86 -10.95 19.35
C PRO B 209 -19.41 -11.37 19.11
N ARG B 210 -18.97 -11.32 17.86
CA ARG B 210 -17.58 -11.68 17.56
C ARG B 210 -16.76 -10.39 17.57
N GLU B 211 -15.56 -10.48 18.12
CA GLU B 211 -14.68 -9.32 18.22
C GLU B 211 -14.24 -8.73 16.89
N LEU B 212 -14.26 -7.40 16.83
CA LEU B 212 -13.84 -6.69 15.64
C LEU B 212 -12.46 -6.07 15.92
N HIS B 213 -11.75 -5.68 14.87
CA HIS B 213 -10.42 -5.10 15.00
C HIS B 213 -10.29 -3.97 13.99
N PHE B 214 -11.12 -2.95 14.16
CA PHE B 214 -11.16 -1.82 13.26
C PHE B 214 -9.83 -1.12 12.96
N ALA B 215 -9.11 -0.67 13.98
CA ALA B 215 -7.84 0.02 13.74
C ALA B 215 -6.78 -0.87 13.11
N LYS B 216 -6.61 -2.07 13.65
CA LYS B 216 -5.62 -2.98 13.09
C LYS B 216 -5.96 -3.32 11.65
N ALA B 217 -7.25 -3.43 11.37
CA ALA B 217 -7.69 -3.75 10.03
C ALA B 217 -7.35 -2.62 9.04
N VAL B 218 -7.61 -1.36 9.41
CA VAL B 218 -7.32 -0.27 8.50
C VAL B 218 -5.82 -0.12 8.28
N ASN B 219 -5.04 -0.30 9.33
CA ASN B 219 -3.59 -0.19 9.22
C ASN B 219 -3.03 -1.27 8.33
N ALA B 220 -3.59 -2.48 8.40
CA ALA B 220 -3.12 -3.58 7.58
C ALA B 220 -3.64 -3.54 6.15
N ALA B 221 -4.74 -2.84 5.93
CA ALA B 221 -5.34 -2.79 4.60
C ALA B 221 -4.57 -1.99 3.56
N THR B 222 -4.52 -2.56 2.36
CA THR B 222 -3.88 -1.94 1.22
C THR B 222 -4.88 -0.98 0.57
N VAL B 223 -4.48 0.27 0.41
CA VAL B 223 -5.35 1.27 -0.21
C VAL B 223 -4.50 2.12 -1.14
N PRO B 224 -4.93 2.32 -2.40
CA PRO B 224 -6.15 1.78 -3.00
C PRO B 224 -5.98 0.30 -3.34
N HIS B 225 -7.09 -0.37 -3.60
CA HIS B 225 -7.04 -1.76 -3.96
C HIS B 225 -6.76 -1.86 -5.45
N VAL B 226 -5.80 -2.70 -5.83
CA VAL B 226 -5.49 -2.93 -7.24
C VAL B 226 -5.49 -4.44 -7.46
N ASP B 227 -6.34 -4.92 -8.38
CA ASP B 227 -6.39 -6.36 -8.66
C ASP B 227 -5.03 -6.78 -9.24
N GLY B 228 -4.43 -7.81 -8.66
CA GLY B 228 -3.15 -8.26 -9.14
C GLY B 228 -3.33 -9.44 -10.09
N TYR B 229 -2.73 -9.35 -11.27
CA TYR B 229 -2.84 -10.41 -12.25
C TYR B 229 -1.84 -11.53 -11.95
N ILE B 230 -2.31 -12.76 -12.01
CA ILE B 230 -1.47 -13.93 -11.78
C ILE B 230 -1.71 -14.87 -12.95
N ASP B 231 -0.66 -15.18 -13.71
CA ASP B 231 -0.80 -16.08 -14.85
C ASP B 231 -1.15 -17.48 -14.39
N GLU B 232 -2.09 -18.11 -15.10
CA GLU B 232 -2.51 -19.47 -14.82
C GLU B 232 -2.04 -20.27 -16.04
N SER B 233 -1.22 -21.29 -15.83
CA SER B 233 -0.75 -22.09 -16.96
C SER B 233 -1.23 -23.53 -16.86
N THR B 234 -1.14 -24.26 -17.96
CA THR B 234 -1.60 -25.64 -17.99
C THR B 234 -0.65 -26.52 -18.78
N GLU B 235 -0.53 -27.79 -18.38
CA GLU B 235 0.30 -28.74 -19.10
C GLU B 235 -0.48 -30.07 -19.08
N SER B 236 -0.43 -30.81 -20.18
CA SER B 236 -1.13 -32.11 -20.25
C SER B 236 -0.18 -33.21 -20.70
N ARG B 237 -0.39 -34.40 -20.18
CA ARG B 237 0.38 -35.56 -20.55
C ARG B 237 -0.53 -36.75 -20.31
N LYS B 238 -0.08 -37.97 -20.58
CA LYS B 238 -0.94 -39.12 -20.39
C LYS B 238 -1.66 -39.14 -19.03
N GLY B 239 -2.98 -39.31 -19.04
CA GLY B 239 -3.78 -39.39 -17.82
C GLY B 239 -4.02 -38.13 -17.00
N ILE B 240 -3.38 -37.00 -17.36
CA ILE B 240 -3.54 -35.82 -16.52
C ILE B 240 -3.31 -34.46 -17.15
N THR B 241 -4.05 -33.48 -16.65
CA THR B 241 -3.86 -32.08 -17.02
C THR B 241 -3.57 -31.39 -15.68
N ILE B 242 -2.48 -30.62 -15.65
CA ILE B 242 -2.10 -29.89 -14.45
C ILE B 242 -2.24 -28.40 -14.69
N LYS B 243 -3.04 -27.76 -13.85
CA LYS B 243 -3.18 -26.32 -13.95
C LYS B 243 -2.32 -25.71 -12.86
N THR B 244 -1.52 -24.70 -13.20
CA THR B 244 -0.68 -24.03 -12.22
C THR B 244 -1.39 -22.71 -11.95
N PHE B 245 -1.91 -22.55 -10.73
CA PHE B 245 -2.67 -21.35 -10.37
C PHE B 245 -1.78 -20.21 -9.94
N VAL B 246 -0.75 -20.54 -9.17
CA VAL B 246 0.20 -19.56 -8.68
C VAL B 246 1.47 -20.22 -8.20
N GLN B 247 2.55 -19.47 -8.35
CA GLN B 247 3.85 -19.90 -7.87
C GLN B 247 4.33 -18.62 -7.18
N GLY B 248 3.93 -18.49 -5.91
CA GLY B 248 4.26 -17.30 -5.15
C GLY B 248 5.31 -17.42 -4.07
N GLU B 249 5.50 -16.34 -3.34
CA GLU B 249 6.50 -16.30 -2.28
C GLU B 249 6.22 -17.23 -1.14
N TYR B 250 4.94 -17.43 -0.84
CA TYR B 250 4.55 -18.29 0.28
C TYR B 250 4.10 -19.70 -0.10
N PHE B 251 3.61 -19.89 -1.32
CA PHE B 251 3.15 -21.21 -1.75
C PHE B 251 2.88 -21.23 -3.23
N SER B 252 2.77 -22.44 -3.77
CA SER B 252 2.44 -22.65 -5.19
C SER B 252 1.24 -23.60 -5.11
N VAL B 253 0.21 -23.36 -5.91
CA VAL B 253 -0.99 -24.19 -5.86
C VAL B 253 -1.34 -24.67 -7.28
N TYR B 254 -1.79 -25.91 -7.38
CA TYR B 254 -2.12 -26.52 -8.69
C TYR B 254 -3.39 -27.38 -8.61
N LYS B 255 -3.92 -27.72 -9.76
CA LYS B 255 -5.05 -28.64 -9.82
C LYS B 255 -4.58 -29.82 -10.67
N TRP B 256 -4.83 -31.04 -10.17
CA TRP B 256 -4.48 -32.22 -10.95
C TRP B 256 -5.79 -32.79 -11.43
N ASP B 257 -6.01 -32.77 -12.74
CA ASP B 257 -7.25 -33.32 -13.30
C ASP B 257 -6.85 -34.64 -13.91
N ILE B 258 -7.12 -35.73 -13.20
CA ILE B 258 -6.72 -37.06 -13.63
C ILE B 258 -7.87 -37.86 -14.24
N ASN B 259 -7.57 -38.48 -15.38
CA ASN B 259 -8.56 -39.30 -16.07
C ASN B 259 -7.79 -40.30 -16.91
N GLY B 260 -7.36 -41.38 -16.26
CA GLY B 260 -6.58 -42.40 -16.94
C GLY B 260 -5.45 -42.77 -15.99
N GLU B 261 -4.30 -43.20 -16.51
CA GLU B 261 -3.19 -43.54 -15.62
C GLU B 261 -2.07 -42.52 -15.79
N ALA B 262 -1.88 -41.69 -14.76
CA ALA B 262 -0.86 -40.64 -14.84
C ALA B 262 0.45 -40.97 -14.15
N GLU B 263 1.56 -40.64 -14.80
N GLU B 263 1.57 -40.65 -14.80
CA GLU B 263 2.88 -40.89 -14.24
CA GLU B 263 2.88 -40.89 -14.24
C GLU B 263 3.32 -39.63 -13.51
C GLU B 263 3.31 -39.63 -13.50
N ALA B 265 5.79 -37.68 -10.15
CA ALA B 265 7.02 -37.64 -9.42
C ALA B 265 6.86 -36.59 -8.34
N GLN B 266 7.54 -36.78 -7.23
CA GLN B 266 7.49 -35.83 -6.15
C GLN B 266 8.84 -35.12 -6.23
N ASP B 267 8.89 -33.95 -6.89
CA ASP B 267 10.15 -33.20 -7.03
C ASP B 267 10.34 -32.02 -6.07
N GLU B 268 9.38 -31.82 -5.17
CA GLU B 268 9.42 -30.73 -4.19
C GLU B 268 9.82 -31.22 -2.79
N SER B 269 9.91 -30.29 -1.82
N SER B 269 9.92 -30.31 -1.82
CA SER B 269 10.26 -30.67 -0.45
CA SER B 269 10.29 -30.75 -0.47
C SER B 269 9.18 -31.59 0.12
C SER B 269 9.19 -31.64 0.08
N PHE B 270 7.96 -31.40 -0.35
CA PHE B 270 6.81 -32.22 0.06
C PHE B 270 5.60 -31.63 -0.65
N LEU B 271 4.54 -32.42 -0.77
CA LEU B 271 3.32 -31.97 -1.45
C LEU B 271 2.12 -32.16 -0.56
N ILE B 272 1.27 -31.12 -0.50
CA ILE B 272 0.05 -31.15 0.27
C ILE B 272 -1.03 -31.47 -0.77
N CYS B 273 -1.79 -32.54 -0.53
CA CYS B 273 -2.79 -32.99 -1.50
C CYS B 273 -4.18 -33.16 -0.94
N SER B 274 -5.17 -32.67 -1.68
CA SER B 274 -6.58 -32.79 -1.25
C SER B 274 -7.36 -33.36 -2.41
N VAL B 275 -8.07 -34.47 -2.18
CA VAL B 275 -8.86 -35.03 -3.28
C VAL B 275 -10.23 -34.37 -3.19
N ILE B 276 -10.56 -33.56 -4.20
CA ILE B 276 -11.85 -32.86 -4.17
C ILE B 276 -12.97 -33.46 -5.01
N GLU B 277 -12.63 -34.44 -5.85
CA GLU B 277 -13.61 -35.12 -6.69
C GLU B 277 -13.09 -36.50 -7.12
N GLY B 278 -14.04 -37.41 -7.29
CA GLY B 278 -13.74 -38.74 -7.79
C GLY B 278 -13.01 -39.72 -6.90
N SER B 279 -12.26 -40.61 -7.54
CA SER B 279 -11.50 -41.62 -6.84
C SER B 279 -10.43 -42.13 -7.79
N GLY B 280 -9.55 -42.96 -7.26
CA GLY B 280 -8.48 -43.50 -8.10
C GLY B 280 -7.54 -44.29 -7.23
N LEU B 281 -6.49 -44.84 -7.84
CA LEU B 281 -5.52 -45.63 -7.10
C LEU B 281 -4.13 -45.03 -7.27
N LEU B 282 -3.49 -44.70 -6.14
CA LEU B 282 -2.14 -44.17 -6.16
C LEU B 282 -1.24 -45.39 -5.96
N LYS B 283 -0.42 -45.72 -6.97
CA LYS B 283 0.44 -46.89 -6.86
C LYS B 283 1.91 -46.51 -6.92
N TYR B 284 2.72 -47.12 -6.07
CA TYR B 284 4.16 -46.86 -6.08
C TYR B 284 4.85 -48.16 -5.67
N GLU B 285 6.00 -48.44 -6.28
CA GLU B 285 6.71 -49.69 -6.00
C GLU B 285 5.71 -50.84 -6.08
N ASP B 286 5.55 -51.60 -5.00
CA ASP B 286 4.60 -52.72 -5.02
C ASP B 286 3.38 -52.40 -4.15
N LYS B 287 3.13 -51.12 -3.91
CA LYS B 287 2.03 -50.70 -3.06
C LYS B 287 0.86 -50.03 -3.78
N THR B 288 -0.31 -50.10 -3.17
CA THR B 288 -1.51 -49.47 -3.72
C THR B 288 -2.17 -48.70 -2.59
N CYS B 289 -2.48 -47.43 -2.87
N CYS B 289 -2.50 -47.46 -2.90
CA CYS B 289 -3.13 -46.54 -1.92
CA CYS B 289 -3.12 -46.57 -1.94
C CYS B 289 -4.39 -45.97 -2.56
C CYS B 289 -4.38 -45.99 -2.57
N PRO B 290 -5.54 -46.58 -2.28
CA PRO B 290 -6.81 -46.09 -2.84
C PRO B 290 -7.12 -44.66 -2.35
N LEU B 291 -7.59 -43.81 -3.27
CA LEU B 291 -7.95 -42.41 -2.95
C LEU B 291 -9.41 -42.13 -3.27
N LYS B 292 -10.04 -41.26 -2.49
CA LYS B 292 -11.42 -40.88 -2.75
C LYS B 292 -11.62 -39.41 -2.35
N LYS B 293 -12.68 -38.80 -2.90
CA LYS B 293 -13.02 -37.42 -2.57
C LYS B 293 -13.06 -37.31 -1.05
N GLY B 294 -12.43 -36.27 -0.50
CA GLY B 294 -12.41 -36.07 0.93
C GLY B 294 -11.07 -36.41 1.58
N ASP B 295 -10.25 -37.20 0.89
CA ASP B 295 -8.93 -37.55 1.44
C ASP B 295 -7.99 -36.36 1.38
N HIS B 296 -7.13 -36.25 2.38
CA HIS B 296 -6.12 -35.22 2.43
C HIS B 296 -4.85 -35.94 2.87
N PHE B 297 -3.76 -35.68 2.17
CA PHE B 297 -2.50 -36.32 2.51
C PHE B 297 -1.28 -35.53 2.09
N ILE B 298 -0.14 -35.89 2.67
CA ILE B 298 1.12 -35.27 2.31
C ILE B 298 2.00 -36.36 1.68
N LEU B 299 2.64 -36.01 0.56
CA LEU B 299 3.57 -36.92 -0.09
C LEU B 299 4.92 -36.35 0.39
N PRO B 300 5.66 -37.13 1.18
CA PRO B 300 6.97 -36.77 1.75
C PRO B 300 8.02 -36.44 0.69
N ALA B 301 9.11 -35.82 1.14
CA ALA B 301 10.21 -35.46 0.24
C ALA B 301 10.73 -36.64 -0.56
N GLN B 302 10.94 -37.78 0.09
CA GLN B 302 11.47 -38.92 -0.64
C GLN B 302 10.43 -39.90 -1.16
N PRO B 304 8.59 -42.11 -3.52
CA PRO B 304 9.02 -42.74 -4.78
C PRO B 304 8.14 -42.27 -5.93
N ASP B 305 8.64 -42.38 -7.17
CA ASP B 305 7.82 -41.99 -8.32
C ASP B 305 6.59 -42.88 -8.24
N PHE B 306 5.46 -42.39 -8.74
CA PHE B 306 4.21 -43.12 -8.63
C PHE B 306 3.24 -42.84 -9.77
N THR B 307 2.12 -43.55 -9.75
CA THR B 307 1.07 -43.34 -10.72
C THR B 307 -0.23 -43.16 -9.93
N ILE B 308 -1.19 -42.49 -10.57
CA ILE B 308 -2.54 -42.35 -10.00
C ILE B 308 -3.37 -42.79 -11.20
N LYS B 309 -4.19 -43.82 -11.01
CA LYS B 309 -5.04 -44.32 -12.08
C LYS B 309 -6.48 -44.19 -11.63
N GLY B 310 -7.29 -43.50 -12.42
CA GLY B 310 -8.69 -43.32 -12.08
C GLY B 310 -9.16 -42.00 -12.64
N THR B 311 -10.32 -41.53 -12.19
CA THR B 311 -10.88 -40.25 -12.63
C THR B 311 -11.12 -39.46 -11.33
N CYS B 312 -10.21 -38.53 -11.05
CA CYS B 312 -10.29 -37.74 -9.83
C CYS B 312 -9.63 -36.37 -10.01
N THR B 313 -9.90 -35.46 -9.07
CA THR B 313 -9.34 -34.13 -9.12
C THR B 313 -8.74 -33.82 -7.76
N LEU B 314 -7.51 -33.32 -7.77
CA LEU B 314 -6.84 -32.96 -6.53
C LEU B 314 -6.37 -31.53 -6.62
N ILE B 315 -6.31 -30.88 -5.47
CA ILE B 315 -5.75 -29.56 -5.38
C ILE B 315 -4.47 -29.84 -4.60
N VAL B 316 -3.33 -29.41 -5.13
CA VAL B 316 -2.05 -29.66 -4.53
C VAL B 316 -1.26 -28.37 -4.29
N SER B 317 -0.53 -28.30 -3.17
CA SER B 317 0.29 -27.13 -2.89
C SER B 317 1.63 -27.54 -2.30
N HIS B 318 2.58 -26.63 -2.36
CA HIS B 318 3.90 -26.87 -1.79
C HIS B 318 4.51 -25.50 -1.56
N ILE B 319 5.60 -25.45 -0.81
CA ILE B 319 6.24 -24.17 -0.53
C ILE B 319 6.91 -23.57 -1.76
#